data_9CD0
#
_entry.id   9CD0
#
_cell.length_a   106.160
_cell.length_b   106.160
_cell.length_c   53.550
_cell.angle_alpha   90.000
_cell.angle_beta   90.000
_cell.angle_gamma   120.000
#
_symmetry.space_group_name_H-M   'P 32 2 1'
#
loop_
_entity.id
_entity.type
_entity.pdbx_description
1 polymer 'UDP-2,3-diacylglucosamine hydrolase'
2 non-polymer N-[2-(5-{4-[6-chloro-4-(trifluoromethyl)pyridin-2-yl]piperazine-1-sulfonyl}-2,3-dihydro-1H-indole-1-carbonyl)phenyl]-N-methylmethanesulfonamide
3 non-polymer DI(HYDROXYETHYL)ETHER
4 non-polymer 'MANGANESE (II) ION'
5 water water
#
_entity_poly.entity_id   1
_entity_poly.type   'polypeptide(L)'
_entity_poly.pdbx_seq_one_letter_code
;MATLFIADLHLQTEEPAITAGFLRFLQGEARQADALYILGDLFEAWIGDDDPNPLHQQIASAIKAVVDAGVPCYFIHGNR
DFLVGQRFARQSGMILLAEEERLDLYGREVLIMHGDTLCTDDQGYLAFRAKVHTPWIQRLFLALPLFIRHRIAARMRADS
KAANSSKSMEIMDVNPQAVVDAMERHHVQWLIHGHTHRPAVHELQANGQPAWRVVLGAWHSEGSMVKVTPDDVELIHFPF
LEENLYFQSHHHHHHHHHH
;
_entity_poly.pdbx_strand_id   A
#
loop_
_chem_comp.id
_chem_comp.type
_chem_comp.name
_chem_comp.formula
A1AVX non-polymer N-[2-(5-{4-[6-chloro-4-(trifluoromethyl)pyridin-2-yl]piperazine-1-sulfonyl}-2,3-dihydro-1H-indole-1-carbonyl)phenyl]-N-methylmethanesulfonamide 'C27 H27 Cl F3 N5 O5 S2'
MN non-polymer 'MANGANESE (II) ION' 'Mn 2'
PEG non-polymer DI(HYDROXYETHYL)ETHER 'C4 H10 O3'
#
# COMPACT_ATOMS: atom_id res chain seq x y z
N ALA A 2 7.28 12.15 13.27
CA ALA A 2 6.75 10.80 13.03
C ALA A 2 6.74 10.44 11.56
N THR A 3 6.82 9.15 11.29
CA THR A 3 6.77 8.62 9.91
C THR A 3 5.50 7.82 9.75
N LEU A 4 4.81 8.01 8.61
CA LEU A 4 3.47 7.43 8.47
C LEU A 4 3.50 6.37 7.39
N PHE A 5 2.71 5.33 7.61
CA PHE A 5 2.57 4.24 6.64
C PHE A 5 1.10 3.99 6.37
N ILE A 6 0.71 3.84 5.09
CA ILE A 6 -0.63 3.41 4.75
C ILE A 6 -0.53 2.42 3.60
N ALA A 7 -1.63 1.70 3.38
CA ALA A 7 -1.68 0.70 2.32
C ALA A 7 -3.14 0.30 2.10
N ASP A 8 -3.40 -0.39 0.97
CA ASP A 8 -4.67 -1.02 0.79
C ASP A 8 -5.84 -0.03 0.87
N LEU A 9 -5.67 1.10 0.25
CA LEU A 9 -6.78 2.03 0.06
C LEU A 9 -7.70 1.55 -1.06
N HIS A 10 -7.16 0.85 -2.05
CA HIS A 10 -7.95 0.29 -3.15
C HIS A 10 -8.86 1.36 -3.76
N LEU A 11 -8.27 2.55 -4.03
CA LEU A 11 -9.05 3.68 -4.56
C LEU A 11 -9.69 3.34 -5.88
N GLN A 12 -10.93 3.84 -6.09
CA GLN A 12 -11.59 3.60 -7.37
C GLN A 12 -12.75 4.60 -7.49
N THR A 13 -13.16 4.94 -8.71
CA THR A 13 -14.17 6.00 -8.82
C THR A 13 -15.51 5.57 -8.22
N GLU A 14 -15.81 4.26 -8.14
CA GLU A 14 -17.08 3.89 -7.54
C GLU A 14 -17.12 4.00 -6.03
N GLU A 15 -15.99 4.30 -5.40
CA GLU A 15 -15.95 4.44 -3.95
C GLU A 15 -15.49 5.85 -3.56
N PRO A 16 -16.30 6.88 -3.85
CA PRO A 16 -15.82 8.26 -3.63
C PRO A 16 -15.57 8.58 -2.16
N ALA A 17 -16.15 7.83 -1.22
CA ALA A 17 -15.96 8.21 0.17
C ALA A 17 -14.54 7.91 0.63
N ILE A 18 -13.95 6.83 0.09
CA ILE A 18 -12.56 6.50 0.41
C ILE A 18 -11.64 7.55 -0.18
N THR A 19 -11.90 7.96 -1.42
CA THR A 19 -11.11 9.03 -2.00
C THR A 19 -11.19 10.30 -1.14
N ALA A 20 -12.41 10.67 -0.73
CA ALA A 20 -12.53 11.86 0.12
C ALA A 20 -11.77 11.69 1.44
N GLY A 21 -11.80 10.50 2.03
CA GLY A 21 -11.08 10.32 3.28
C GLY A 21 -9.58 10.43 3.06
N PHE A 22 -9.10 9.95 1.89
CA PHE A 22 -7.68 10.02 1.59
C PHE A 22 -7.25 11.47 1.32
N LEU A 23 -8.10 12.24 0.61
CA LEU A 23 -7.76 13.63 0.41
C LEU A 23 -7.72 14.40 1.73
N ARG A 24 -8.67 14.15 2.64
CA ARG A 24 -8.62 14.80 3.96
C ARG A 24 -7.32 14.42 4.71
N PHE A 25 -6.97 13.13 4.68
CA PHE A 25 -5.72 12.66 5.28
C PHE A 25 -4.50 13.41 4.72
N LEU A 26 -4.42 13.57 3.39
CA LEU A 26 -3.28 14.23 2.77
C LEU A 26 -3.20 15.72 3.13
N GLN A 27 -4.35 16.36 3.31
CA GLN A 27 -4.48 17.78 3.62
C GLN A 27 -4.24 18.08 5.10
N GLY A 28 -4.35 17.09 5.99
CA GLY A 28 -4.16 17.35 7.39
C GLY A 28 -2.97 16.58 7.91
N GLU A 29 -3.24 15.34 8.29
CA GLU A 29 -2.28 14.55 9.03
C GLU A 29 -0.95 14.44 8.30
N ALA A 30 -0.99 14.11 7.01
CA ALA A 30 0.25 13.88 6.27
C ALA A 30 1.17 15.11 6.29
N ARG A 31 0.61 16.31 6.38
CA ARG A 31 1.45 17.50 6.26
C ARG A 31 2.39 17.67 7.45
N GLN A 32 2.12 16.99 8.55
CA GLN A 32 2.94 17.10 9.76
C GLN A 32 3.95 15.98 9.88
N ALA A 33 3.96 15.06 8.92
CA ALA A 33 4.78 13.86 8.94
C ALA A 33 6.18 14.20 8.47
N ASP A 34 7.15 13.39 8.94
CA ASP A 34 8.51 13.46 8.41
C ASP A 34 8.58 12.83 7.02
N ALA A 35 7.77 11.81 6.78
CA ALA A 35 7.67 11.11 5.50
C ALA A 35 6.38 10.31 5.52
N LEU A 36 5.92 10.01 4.29
CA LEU A 36 4.74 9.20 4.10
C LEU A 36 5.09 8.05 3.15
N TYR A 37 4.82 6.84 3.58
CA TYR A 37 5.07 5.64 2.78
C TYR A 37 3.75 4.97 2.49
N ILE A 38 3.52 4.65 1.21
CA ILE A 38 2.32 3.98 0.72
C ILE A 38 2.73 2.59 0.27
N LEU A 39 2.38 1.57 1.07
CA LEU A 39 2.89 0.21 0.87
C LEU A 39 1.99 -0.62 -0.04
N GLY A 40 1.60 -0.07 -1.19
CA GLY A 40 0.91 -0.91 -2.19
C GLY A 40 -0.61 -0.88 -2.10
N ASP A 41 -1.26 -1.23 -3.22
CA ASP A 41 -2.73 -1.21 -3.34
C ASP A 41 -3.29 0.17 -2.97
N LEU A 42 -2.60 1.21 -3.45
CA LEU A 42 -3.19 2.55 -3.40
C LEU A 42 -4.43 2.60 -4.28
N PHE A 43 -4.35 2.01 -5.48
CA PHE A 43 -5.49 1.90 -6.40
C PHE A 43 -6.03 0.46 -6.47
N GLU A 44 -7.35 0.35 -6.69
CA GLU A 44 -7.98 -0.94 -6.93
C GLU A 44 -7.48 -1.60 -8.23
N ALA A 45 -7.09 -0.80 -9.23
CA ALA A 45 -6.58 -1.36 -10.46
C ALA A 45 -5.63 -0.35 -11.11
N TRP A 46 -4.76 -0.84 -11.99
CA TRP A 46 -3.91 0.06 -12.79
C TRP A 46 -3.56 -0.63 -14.08
N ILE A 47 -3.73 0.08 -15.19
CA ILE A 47 -3.43 -0.52 -16.48
C ILE A 47 -2.35 0.25 -17.21
N GLY A 48 -1.73 1.22 -16.55
CA GLY A 48 -0.63 1.98 -17.13
C GLY A 48 -0.79 3.47 -16.83
N ASP A 49 0.31 4.20 -16.93
CA ASP A 49 0.35 5.60 -16.52
C ASP A 49 -0.22 6.55 -17.59
N ASP A 50 -0.50 6.06 -18.78
CA ASP A 50 -1.14 6.83 -19.82
C ASP A 50 -2.66 6.84 -19.71
N ASP A 51 -3.18 6.21 -18.67
CA ASP A 51 -4.62 6.11 -18.50
C ASP A 51 -5.17 7.49 -18.10
N PRO A 52 -6.16 8.04 -18.81
CA PRO A 52 -6.67 9.39 -18.50
C PRO A 52 -7.71 9.44 -17.39
N ASN A 53 -7.95 8.31 -16.67
CA ASN A 53 -8.90 8.26 -15.55
C ASN A 53 -8.70 9.52 -14.68
N PRO A 54 -9.72 10.37 -14.53
CA PRO A 54 -9.50 11.62 -13.74
C PRO A 54 -9.08 11.37 -12.31
N LEU A 55 -9.52 10.25 -11.73
CA LEU A 55 -9.12 9.95 -10.35
C LEU A 55 -7.61 9.90 -10.25
N HIS A 56 -6.92 9.46 -11.29
CA HIS A 56 -5.47 9.38 -11.18
C HIS A 56 -4.84 10.75 -11.06
N GLN A 57 -5.28 11.74 -11.86
CA GLN A 57 -4.73 13.10 -11.76
C GLN A 57 -5.12 13.78 -10.45
N GLN A 58 -6.34 13.51 -9.97
N GLN A 58 -6.34 13.50 -9.96
CA GLN A 58 -6.77 14.12 -8.71
CA GLN A 58 -6.79 14.08 -8.70
C GLN A 58 -5.91 13.62 -7.55
C GLN A 58 -5.88 13.62 -7.57
N ILE A 59 -5.58 12.32 -7.55
CA ILE A 59 -4.75 11.75 -6.51
C ILE A 59 -3.29 12.22 -6.67
N ALA A 60 -2.76 12.20 -7.91
CA ALA A 60 -1.40 12.71 -8.15
C ALA A 60 -1.24 14.15 -7.64
N SER A 61 -2.22 15.04 -7.93
CA SER A 61 -2.12 16.44 -7.48
C SER A 61 -2.11 16.54 -5.97
N ALA A 62 -2.94 15.74 -5.31
CA ALA A 62 -3.06 15.80 -3.85
C ALA A 62 -1.79 15.30 -3.19
N ILE A 63 -1.21 14.22 -3.72
CA ILE A 63 0.06 13.74 -3.17
C ILE A 63 1.16 14.76 -3.45
N LYS A 64 1.16 15.34 -4.67
CA LYS A 64 2.20 16.30 -5.02
C LYS A 64 2.14 17.50 -4.12
N ALA A 65 0.95 17.86 -3.62
CA ALA A 65 0.92 19.00 -2.69
C ALA A 65 1.57 18.67 -1.34
N VAL A 66 1.50 17.42 -0.92
CA VAL A 66 2.16 16.99 0.34
C VAL A 66 3.67 17.06 0.15
N VAL A 67 4.13 16.50 -0.97
CA VAL A 67 5.55 16.56 -1.35
C VAL A 67 6.05 18.01 -1.38
N ASP A 68 5.31 18.89 -2.06
CA ASP A 68 5.73 20.30 -2.16
C ASP A 68 5.74 21.00 -0.80
N ALA A 69 4.90 20.52 0.10
CA ALA A 69 4.84 21.01 1.48
C ALA A 69 6.00 20.48 2.31
N GLY A 70 6.86 19.66 1.73
CA GLY A 70 8.12 19.31 2.38
C GLY A 70 8.12 17.91 2.95
N VAL A 71 7.10 17.10 2.64
CA VAL A 71 6.98 15.75 3.19
C VAL A 71 7.30 14.75 2.07
N PRO A 72 8.47 14.08 2.06
CA PRO A 72 8.70 13.11 1.00
C PRO A 72 7.73 11.95 1.07
N CYS A 73 7.28 11.49 -0.10
CA CYS A 73 6.31 10.42 -0.24
C CYS A 73 6.92 9.30 -1.08
N TYR A 74 6.73 8.05 -0.64
CA TYR A 74 7.34 6.86 -1.21
C TYR A 74 6.28 5.81 -1.50
N PHE A 75 6.52 4.97 -2.51
CA PHE A 75 5.53 3.99 -2.94
C PHE A 75 6.18 2.64 -3.20
N ILE A 76 5.61 1.60 -2.60
CA ILE A 76 5.91 0.21 -2.97
C ILE A 76 4.66 -0.33 -3.63
N HIS A 77 4.84 -1.10 -4.70
CA HIS A 77 3.71 -1.62 -5.46
C HIS A 77 2.96 -2.69 -4.70
N GLY A 78 1.64 -2.74 -4.94
CA GLY A 78 0.81 -3.84 -4.47
C GLY A 78 0.52 -4.84 -5.60
N ASN A 79 -0.27 -5.87 -5.26
CA ASN A 79 -0.74 -6.78 -6.31
C ASN A 79 -1.76 -6.13 -7.24
N ARG A 80 -2.46 -5.09 -6.77
CA ARG A 80 -3.43 -4.44 -7.65
C ARG A 80 -2.74 -3.46 -8.60
N ASP A 81 -1.72 -2.76 -8.12
CA ASP A 81 -1.24 -1.56 -8.85
C ASP A 81 0.25 -1.66 -9.18
N PHE A 82 0.67 -2.87 -9.55
CA PHE A 82 2.07 -3.13 -9.91
C PHE A 82 2.49 -2.41 -11.21
N LEU A 83 1.53 -1.95 -12.00
CA LEU A 83 1.92 -1.20 -13.20
C LEU A 83 2.12 0.30 -12.99
N VAL A 84 1.97 0.81 -11.77
CA VAL A 84 2.29 2.23 -11.54
C VAL A 84 3.74 2.46 -11.91
N GLY A 85 3.99 3.48 -12.74
CA GLY A 85 5.33 3.69 -13.20
C GLY A 85 5.87 5.08 -12.94
N GLN A 86 6.91 5.41 -13.71
CA GLN A 86 7.65 6.63 -13.43
C GLN A 86 6.92 7.89 -13.89
N ARG A 87 6.11 7.79 -14.94
CA ARG A 87 5.25 8.91 -15.30
C ARG A 87 4.36 9.32 -14.14
N PHE A 88 3.71 8.33 -13.49
CA PHE A 88 2.86 8.67 -12.36
C PHE A 88 3.71 9.11 -11.18
N ALA A 89 4.91 8.53 -11.01
CA ALA A 89 5.80 9.00 -9.93
C ALA A 89 6.10 10.49 -10.10
N ARG A 90 6.43 10.89 -11.33
CA ARG A 90 6.74 12.29 -11.62
C ARG A 90 5.52 13.18 -11.38
N GLN A 91 4.34 12.74 -11.87
CA GLN A 91 3.11 13.52 -11.70
C GLN A 91 2.77 13.76 -10.25
N SER A 92 2.98 12.76 -9.41
CA SER A 92 2.59 12.79 -8.00
C SER A 92 3.72 13.29 -7.08
N GLY A 93 4.94 13.40 -7.59
CA GLY A 93 6.07 13.64 -6.73
C GLY A 93 6.52 12.46 -5.88
N MET A 94 5.96 11.29 -6.05
CA MET A 94 6.36 10.13 -5.25
C MET A 94 7.64 9.49 -5.78
N ILE A 95 8.35 8.86 -4.86
CA ILE A 95 9.51 8.07 -5.19
C ILE A 95 9.11 6.60 -5.17
N LEU A 96 9.37 5.89 -6.26
CA LEU A 96 9.09 4.44 -6.31
C LEU A 96 10.20 3.64 -5.66
N LEU A 97 9.82 2.68 -4.82
CA LEU A 97 10.79 1.88 -4.08
C LEU A 97 10.68 0.44 -4.50
N ALA A 98 11.64 -0.38 -4.06
CA ALA A 98 11.66 -1.79 -4.42
C ALA A 98 10.65 -2.62 -3.61
N GLU A 99 10.57 -3.90 -3.97
CA GLU A 99 9.63 -4.83 -3.37
C GLU A 99 9.82 -4.90 -1.86
N GLU A 100 11.07 -4.87 -1.43
CA GLU A 100 11.45 -4.81 -0.01
C GLU A 100 12.38 -3.64 0.20
N GLU A 101 12.22 -2.90 1.32
CA GLU A 101 13.23 -1.90 1.64
C GLU A 101 13.48 -1.97 3.14
N ARG A 102 14.71 -1.70 3.56
CA ARG A 102 15.08 -1.51 4.99
C ARG A 102 15.22 -0.03 5.29
N LEU A 103 14.42 0.48 6.23
CA LEU A 103 14.44 1.88 6.64
C LEU A 103 15.08 2.06 8.00
N ASP A 104 15.74 3.22 8.19
CA ASP A 104 16.14 3.67 9.53
C ASP A 104 15.07 4.64 10.03
N LEU A 105 14.28 4.22 11.02
CA LEU A 105 13.23 5.05 11.59
C LEU A 105 13.67 5.39 13.02
N TYR A 106 14.26 6.57 13.18
CA TYR A 106 14.70 7.06 14.49
C TYR A 106 15.61 6.05 15.21
N GLY A 107 16.47 5.38 14.43
CA GLY A 107 17.41 4.41 14.96
C GLY A 107 16.93 2.97 14.90
N ARG A 108 15.63 2.76 14.70
N ARG A 108 15.65 2.76 14.64
CA ARG A 108 15.03 1.44 14.60
CA ARG A 108 15.01 1.45 14.59
C ARG A 108 15.08 0.97 13.14
C ARG A 108 15.03 0.95 13.15
N GLU A 109 15.69 -0.19 12.90
CA GLU A 109 15.69 -0.80 11.57
C GLU A 109 14.34 -1.47 11.27
N VAL A 110 13.70 -1.10 10.14
CA VAL A 110 12.36 -1.58 9.82
C VAL A 110 12.30 -2.05 8.37
N LEU A 111 11.87 -3.29 8.16
CA LEU A 111 11.58 -3.79 6.81
C LEU A 111 10.18 -3.39 6.40
N ILE A 112 10.03 -2.96 5.14
CA ILE A 112 8.71 -2.59 4.59
C ILE A 112 8.50 -3.34 3.27
N MET A 113 7.27 -3.80 3.04
N MET A 113 7.27 -3.79 3.03
CA MET A 113 6.88 -4.45 1.79
CA MET A 113 6.89 -4.38 1.75
C MET A 113 5.36 -4.45 1.71
C MET A 113 5.36 -4.31 1.66
N HIS A 114 4.82 -4.75 0.52
CA HIS A 114 3.36 -4.82 0.45
C HIS A 114 2.83 -5.99 1.29
N GLY A 115 3.50 -7.15 1.21
CA GLY A 115 3.23 -8.33 2.01
C GLY A 115 2.71 -9.50 1.19
N ASP A 116 2.34 -9.28 -0.07
CA ASP A 116 1.84 -10.42 -0.84
C ASP A 116 2.93 -11.48 -1.05
N THR A 117 4.19 -11.07 -1.18
CA THR A 117 5.24 -12.09 -1.34
C THR A 117 5.45 -12.92 -0.09
N LEU A 118 4.78 -12.60 1.02
CA LEU A 118 4.87 -13.48 2.19
C LEU A 118 3.81 -14.58 2.18
N CYS A 119 2.87 -14.52 1.23
CA CYS A 119 1.74 -15.42 1.18
C CYS A 119 2.05 -16.61 0.29
N THR A 120 3.13 -17.30 0.67
CA THR A 120 3.71 -18.42 -0.09
C THR A 120 2.84 -19.67 -0.12
N ASP A 121 1.76 -19.71 0.66
CA ASP A 121 0.79 -20.79 0.55
C ASP A 121 -0.23 -20.61 -0.55
N ASP A 122 -0.35 -19.40 -1.13
CA ASP A 122 -1.31 -19.16 -2.21
C ASP A 122 -0.57 -19.31 -3.54
N GLN A 123 -0.40 -20.58 -3.92
CA GLN A 123 0.32 -20.89 -5.14
C GLN A 123 -0.33 -20.29 -6.37
N GLY A 124 -1.67 -20.19 -6.39
CA GLY A 124 -2.33 -19.63 -7.56
C GLY A 124 -2.08 -18.14 -7.67
N TYR A 125 -2.10 -17.42 -6.53
CA TYR A 125 -1.70 -16.01 -6.57
C TYR A 125 -0.24 -15.90 -7.01
N LEU A 126 0.66 -16.72 -6.44
CA LEU A 126 2.06 -16.58 -6.81
C LEU A 126 2.30 -16.89 -8.29
N ALA A 127 1.52 -17.80 -8.88
CA ALA A 127 1.60 -18.04 -10.33
C ALA A 127 1.18 -16.80 -11.13
N PHE A 128 0.04 -16.22 -10.78
CA PHE A 128 -0.36 -14.93 -11.37
C PHE A 128 0.74 -13.87 -11.21
N ARG A 129 1.27 -13.73 -10.00
CA ARG A 129 2.25 -12.68 -9.74
C ARG A 129 3.48 -12.85 -10.60
N ALA A 130 3.96 -14.09 -10.74
CA ALA A 130 5.14 -14.33 -11.55
C ALA A 130 4.88 -13.93 -12.99
N LYS A 131 3.67 -14.19 -13.47
N LYS A 131 3.67 -14.20 -13.48
CA LYS A 131 3.33 -13.86 -14.85
CA LYS A 131 3.35 -13.86 -14.87
C LYS A 131 3.30 -12.34 -15.06
C LYS A 131 3.30 -12.36 -15.06
N VAL A 132 2.59 -11.63 -14.19
CA VAL A 132 2.41 -10.19 -14.44
C VAL A 132 3.60 -9.36 -14.00
N HIS A 133 4.59 -9.93 -13.30
CA HIS A 133 5.88 -9.28 -13.06
C HIS A 133 6.96 -9.62 -14.07
N THR A 134 6.68 -10.46 -15.05
CA THR A 134 7.62 -10.75 -16.10
C THR A 134 7.73 -9.54 -17.02
N PRO A 135 8.93 -8.99 -17.24
CA PRO A 135 9.06 -7.74 -18.02
C PRO A 135 8.46 -7.80 -19.41
N TRP A 136 8.68 -8.90 -20.15
CA TRP A 136 8.14 -8.90 -21.51
C TRP A 136 6.62 -8.96 -21.49
N ILE A 137 6.05 -9.57 -20.47
CA ILE A 137 4.61 -9.59 -20.37
C ILE A 137 4.07 -8.20 -20.02
N GLN A 138 4.73 -7.45 -19.11
CA GLN A 138 4.32 -6.07 -18.85
C GLN A 138 4.47 -5.21 -20.08
N ARG A 139 5.60 -5.34 -20.79
CA ARG A 139 5.82 -4.50 -21.96
C ARG A 139 4.76 -4.80 -23.02
N LEU A 140 4.45 -6.09 -23.21
CA LEU A 140 3.40 -6.45 -24.19
C LEU A 140 2.04 -5.85 -23.80
N PHE A 141 1.66 -5.98 -22.53
CA PHE A 141 0.36 -5.48 -22.11
C PHE A 141 0.28 -3.96 -22.28
N LEU A 142 1.34 -3.27 -21.88
CA LEU A 142 1.33 -1.79 -21.88
C LEU A 142 1.35 -1.25 -23.31
N ALA A 143 1.82 -2.06 -24.28
CA ALA A 143 1.80 -1.66 -25.68
C ALA A 143 0.40 -1.69 -26.28
N LEU A 144 -0.52 -2.43 -25.70
CA LEU A 144 -1.86 -2.56 -26.25
C LEU A 144 -2.62 -1.25 -26.13
N PRO A 145 -3.59 -1.00 -27.00
CA PRO A 145 -4.35 0.26 -26.88
C PRO A 145 -5.05 0.31 -25.54
N LEU A 146 -5.25 1.53 -25.04
CA LEU A 146 -5.91 1.75 -23.75
C LEU A 146 -7.24 1.02 -23.69
N PHE A 147 -8.07 1.15 -24.75
CA PHE A 147 -9.40 0.58 -24.64
C PHE A 147 -9.31 -0.93 -24.55
N ILE A 148 -8.27 -1.52 -25.15
CA ILE A 148 -8.11 -2.99 -25.05
C ILE A 148 -7.70 -3.33 -23.64
N ARG A 149 -6.75 -2.57 -23.08
CA ARG A 149 -6.29 -2.85 -21.73
C ARG A 149 -7.42 -2.73 -20.72
N HIS A 150 -8.30 -1.73 -20.88
N HIS A 150 -8.31 -1.75 -20.90
CA HIS A 150 -9.48 -1.60 -20.03
CA HIS A 150 -9.47 -1.59 -20.03
C HIS A 150 -10.34 -2.84 -20.11
C HIS A 150 -10.41 -2.78 -20.13
N ARG A 151 -10.61 -3.30 -21.34
CA ARG A 151 -11.45 -4.49 -21.53
C ARG A 151 -10.83 -5.71 -20.87
N ILE A 152 -9.52 -5.90 -21.04
CA ILE A 152 -8.83 -7.03 -20.41
C ILE A 152 -8.99 -6.96 -18.89
N ALA A 153 -8.69 -5.80 -18.33
CA ALA A 153 -8.71 -5.66 -16.86
C ALA A 153 -10.12 -5.87 -16.31
N ALA A 154 -11.12 -5.27 -16.94
CA ALA A 154 -12.51 -5.47 -16.50
C ALA A 154 -12.87 -6.95 -16.53
N ARG A 155 -12.50 -7.66 -17.60
CA ARG A 155 -12.81 -9.08 -17.67
C ARG A 155 -12.08 -9.87 -16.56
N MET A 156 -10.82 -9.53 -16.29
CA MET A 156 -10.00 -10.29 -15.35
C MET A 156 -10.51 -10.07 -13.93
N ARG A 157 -10.89 -8.82 -13.62
CA ARG A 157 -11.54 -8.55 -12.33
C ARG A 157 -12.87 -9.33 -12.18
N ALA A 158 -13.72 -9.31 -13.20
CA ALA A 158 -14.95 -10.11 -13.11
C ALA A 158 -14.64 -11.58 -12.86
N ASP A 159 -13.64 -12.11 -13.56
CA ASP A 159 -13.26 -13.52 -13.43
C ASP A 159 -12.76 -13.80 -12.02
N SER A 160 -12.00 -12.86 -11.45
N SER A 160 -12.00 -12.86 -11.45
CA SER A 160 -11.44 -13.08 -10.12
CA SER A 160 -11.45 -13.07 -10.12
C SER A 160 -12.56 -13.06 -9.08
C SER A 160 -12.54 -13.04 -9.06
N LYS A 161 -13.51 -12.13 -9.22
CA LYS A 161 -14.61 -12.08 -8.27
C LYS A 161 -15.45 -13.35 -8.31
N ALA A 162 -15.53 -13.99 -9.47
CA ALA A 162 -16.33 -15.22 -9.65
C ALA A 162 -15.53 -16.47 -9.29
N GLU A 170 -11.62 -12.81 -0.11
CA GLU A 170 -10.77 -13.68 0.71
C GLU A 170 -9.31 -13.68 0.23
N ILE A 171 -8.47 -12.94 0.95
CA ILE A 171 -7.03 -12.86 0.71
C ILE A 171 -6.33 -13.80 1.66
N MET A 172 -5.46 -14.67 1.13
CA MET A 172 -4.76 -15.62 1.99
C MET A 172 -3.75 -14.87 2.84
N ASP A 173 -3.61 -15.32 4.10
CA ASP A 173 -2.71 -14.69 5.08
C ASP A 173 -1.28 -15.13 4.83
N VAL A 174 -0.34 -14.48 5.54
CA VAL A 174 1.07 -14.76 5.34
C VAL A 174 1.43 -16.14 5.85
N ASN A 175 2.54 -16.66 5.35
CA ASN A 175 3.16 -17.89 5.83
C ASN A 175 4.15 -17.51 6.95
N PRO A 176 4.02 -18.09 8.14
CA PRO A 176 4.92 -17.69 9.26
C PRO A 176 6.40 -17.84 8.97
N GLN A 177 6.79 -18.93 8.31
CA GLN A 177 8.20 -19.12 8.01
C GLN A 177 8.70 -18.05 7.03
N ALA A 178 7.87 -17.64 6.08
CA ALA A 178 8.29 -16.63 5.14
C ALA A 178 8.56 -15.30 5.85
N VAL A 179 7.77 -15.01 6.88
CA VAL A 179 8.02 -13.83 7.72
C VAL A 179 9.38 -13.91 8.37
N VAL A 180 9.70 -15.03 9.04
CA VAL A 180 11.00 -15.13 9.70
C VAL A 180 12.11 -15.02 8.67
N ASP A 181 11.97 -15.68 7.52
N ASP A 181 11.96 -15.66 7.51
CA ASP A 181 13.01 -15.61 6.49
CA ASP A 181 13.03 -15.62 6.52
C ASP A 181 13.28 -14.17 6.08
C ASP A 181 13.28 -14.20 6.02
N ALA A 182 12.21 -13.42 5.85
CA ALA A 182 12.40 -12.05 5.36
C ALA A 182 13.06 -11.18 6.42
N MET A 183 12.65 -11.35 7.68
CA MET A 183 13.23 -10.55 8.76
C MET A 183 14.65 -10.97 9.08
N GLU A 184 14.98 -12.24 8.87
CA GLU A 184 16.36 -12.63 9.01
C GLU A 184 17.19 -12.26 7.79
N ARG A 185 16.63 -12.29 6.58
CA ARG A 185 17.40 -11.83 5.42
C ARG A 185 17.85 -10.39 5.58
N HIS A 186 17.02 -9.54 6.17
CA HIS A 186 17.32 -8.12 6.41
C HIS A 186 17.86 -7.83 7.83
N HIS A 187 17.98 -8.84 8.67
N HIS A 187 17.96 -8.84 8.69
CA HIS A 187 18.42 -8.69 10.06
CA HIS A 187 18.41 -8.66 10.07
C HIS A 187 17.70 -7.52 10.75
C HIS A 187 17.69 -7.51 10.76
N VAL A 188 16.35 -7.53 10.68
CA VAL A 188 15.52 -6.54 11.38
C VAL A 188 14.67 -7.23 12.46
N GLN A 189 14.27 -6.44 13.46
CA GLN A 189 13.28 -6.87 14.47
C GLN A 189 11.89 -6.27 14.22
N TRP A 190 11.72 -5.46 13.15
CA TRP A 190 10.46 -4.78 12.88
C TRP A 190 10.14 -4.91 11.41
N LEU A 191 8.88 -5.25 11.10
CA LEU A 191 8.38 -5.37 9.73
C LEU A 191 7.01 -4.72 9.66
N ILE A 192 6.77 -3.88 8.64
CA ILE A 192 5.45 -3.28 8.39
C ILE A 192 4.99 -3.69 7.00
N HIS A 193 3.79 -4.22 6.88
CA HIS A 193 3.29 -4.59 5.54
C HIS A 193 1.78 -4.43 5.53
N GLY A 194 1.20 -4.54 4.32
CA GLY A 194 -0.25 -4.58 4.22
C GLY A 194 -0.67 -5.85 3.53
N HIS A 195 -1.46 -5.70 2.44
CA HIS A 195 -1.99 -6.81 1.65
C HIS A 195 -3.03 -7.72 2.31
N THR A 196 -2.78 -8.24 3.54
CA THR A 196 -3.71 -9.23 4.09
C THR A 196 -4.95 -8.64 4.71
N HIS A 197 -5.00 -7.29 4.91
CA HIS A 197 -6.21 -6.60 5.37
C HIS A 197 -6.59 -7.06 6.79
N ARG A 198 -5.60 -7.44 7.56
CA ARG A 198 -5.80 -7.96 8.93
C ARG A 198 -4.95 -7.15 9.90
N PRO A 199 -5.37 -5.93 10.21
CA PRO A 199 -4.50 -5.06 11.02
C PRO A 199 -4.23 -5.65 12.41
N ALA A 200 -2.96 -5.67 12.78
CA ALA A 200 -2.48 -6.42 13.93
C ALA A 200 -1.04 -6.05 14.22
N VAL A 201 -0.61 -6.39 15.44
CA VAL A 201 0.79 -6.38 15.84
C VAL A 201 1.13 -7.79 16.31
N HIS A 202 2.02 -8.47 15.60
CA HIS A 202 2.37 -9.85 15.90
C HIS A 202 3.78 -9.89 16.48
N GLU A 203 3.95 -10.59 17.61
CA GLU A 203 5.26 -10.83 18.17
C GLU A 203 5.74 -12.19 17.68
N LEU A 204 7.01 -12.26 17.30
CA LEU A 204 7.62 -13.50 16.86
C LEU A 204 9.08 -13.47 17.30
N GLN A 205 9.89 -14.40 16.82
CA GLN A 205 11.33 -14.38 17.09
C GLN A 205 12.09 -14.39 15.77
N ALA A 206 12.99 -13.44 15.61
CA ALA A 206 13.85 -13.38 14.42
C ALA A 206 15.24 -12.98 14.88
N ASN A 207 16.28 -13.56 14.27
CA ASN A 207 17.66 -13.21 14.62
C ASN A 207 17.94 -13.45 16.10
N GLY A 208 17.30 -14.45 16.69
CA GLY A 208 17.54 -14.77 18.09
C GLY A 208 16.92 -13.83 19.10
N GLN A 209 16.02 -12.94 18.68
CA GLN A 209 15.47 -11.90 19.54
C GLN A 209 13.99 -11.71 19.25
N PRO A 210 13.26 -11.09 20.19
CA PRO A 210 11.90 -10.67 19.90
C PRO A 210 11.85 -9.81 18.66
N ALA A 211 10.77 -9.98 17.91
CA ALA A 211 10.56 -9.25 16.67
C ALA A 211 9.06 -9.05 16.53
N TRP A 212 8.67 -8.03 15.73
CA TRP A 212 7.25 -7.67 15.56
C TRP A 212 6.93 -7.42 14.10
N ARG A 213 5.73 -7.83 13.72
CA ARG A 213 5.19 -7.72 12.36
C ARG A 213 3.92 -6.91 12.50
N VAL A 214 3.94 -5.68 11.98
CA VAL A 214 2.82 -4.74 12.11
C VAL A 214 2.11 -4.75 10.76
N VAL A 215 0.78 -4.91 10.77
CA VAL A 215 0.01 -5.10 9.55
C VAL A 215 -0.99 -3.96 9.44
N LEU A 216 -1.02 -3.32 8.26
CA LEU A 216 -1.94 -2.24 8.03
C LEU A 216 -3.35 -2.74 7.74
N GLY A 217 -4.33 -1.86 7.94
CA GLY A 217 -5.67 -2.15 7.51
C GLY A 217 -6.02 -1.63 6.11
N ALA A 218 -6.96 -2.32 5.46
CA ALA A 218 -7.61 -1.77 4.27
C ALA A 218 -8.54 -0.63 4.64
N TRP A 219 -8.73 0.28 3.70
CA TRP A 219 -9.65 1.40 3.91
C TRP A 219 -11.04 0.94 3.46
N HIS A 220 -11.80 0.32 4.35
N HIS A 220 -11.78 0.31 4.35
CA HIS A 220 -13.12 -0.21 4.00
CA HIS A 220 -13.12 -0.08 3.97
C HIS A 220 -14.25 0.72 4.41
C HIS A 220 -14.07 1.03 4.39
N SER A 221 -14.30 1.07 5.69
CA SER A 221 -15.27 1.90 6.35
C SER A 221 -14.61 3.11 6.98
N GLU A 222 -13.34 2.94 7.34
CA GLU A 222 -12.54 3.93 8.06
C GLU A 222 -11.12 3.75 7.58
N GLY A 223 -10.29 4.73 7.89
CA GLY A 223 -8.91 4.67 7.51
C GLY A 223 -8.06 3.99 8.57
N SER A 224 -6.86 3.64 8.15
CA SER A 224 -5.87 2.94 8.94
C SER A 224 -4.52 3.52 8.57
N MET A 225 -3.65 3.75 9.58
CA MET A 225 -2.24 4.06 9.31
C MET A 225 -1.37 3.49 10.43
N VAL A 226 -0.07 3.35 10.15
CA VAL A 226 0.93 3.10 11.19
C VAL A 226 1.78 4.35 11.30
N LYS A 227 1.92 4.83 12.53
CA LYS A 227 2.71 6.01 12.86
C LYS A 227 3.90 5.52 13.65
N VAL A 228 5.11 5.73 13.15
CA VAL A 228 6.33 5.36 13.87
C VAL A 228 6.95 6.64 14.42
N THR A 229 7.28 6.65 15.76
CA THR A 229 7.92 7.81 16.37
C THR A 229 9.26 7.36 16.95
N PRO A 230 10.06 8.26 17.52
CA PRO A 230 11.27 7.80 18.21
C PRO A 230 10.93 6.98 19.45
N ASP A 231 9.66 6.99 19.90
CA ASP A 231 9.30 6.38 21.18
C ASP A 231 8.45 5.13 21.06
N ASP A 232 7.74 4.95 19.96
CA ASP A 232 6.77 3.85 19.92
C ASP A 232 6.32 3.63 18.49
N VAL A 233 5.48 2.59 18.32
CA VAL A 233 4.88 2.23 17.02
C VAL A 233 3.38 2.17 17.22
N GLU A 234 2.62 2.91 16.38
CA GLU A 234 1.19 3.09 16.62
C GLU A 234 0.37 2.63 15.41
N LEU A 235 -0.60 1.75 15.65
CA LEU A 235 -1.56 1.38 14.63
C LEU A 235 -2.84 2.15 14.92
N ILE A 236 -3.23 3.03 14.00
CA ILE A 236 -4.24 4.02 14.24
C ILE A 236 -5.39 3.88 13.26
N HIS A 237 -6.62 3.86 13.78
CA HIS A 237 -7.84 3.80 12.98
C HIS A 237 -8.60 5.12 13.15
N PHE A 238 -9.04 5.70 12.02
CA PHE A 238 -9.63 7.04 12.08
C PHE A 238 -10.71 7.13 11.01
N PRO A 239 -11.70 8.00 11.20
CA PRO A 239 -12.77 8.13 10.21
C PRO A 239 -12.30 8.88 8.96
N PHE A 240 -12.95 8.58 7.83
CA PHE A 240 -12.68 9.26 6.57
C PHE A 240 -12.92 10.76 6.70
N LEU A 241 -14.09 11.14 7.22
CA LEU A 241 -14.51 12.54 7.28
C LEU A 241 -14.56 13.05 8.71
N GLU A 242 -14.62 14.38 8.83
CA GLU A 242 -14.74 15.02 10.15
C GLU A 242 -16.16 14.82 10.67
N GLU A 243 -16.34 13.82 11.51
CA GLU A 243 -17.66 13.48 12.06
C GLU A 243 -17.99 14.48 13.14
N ASN A 244 -18.83 15.48 12.81
CA ASN A 244 -19.14 16.54 13.76
C ASN A 244 -20.03 16.00 14.85
N LEU A 245 -19.62 16.25 16.10
CA LEU A 245 -20.44 15.91 17.25
C LEU A 245 -21.75 16.69 17.20
N TYR A 246 -22.78 16.14 17.82
CA TYR A 246 -24.03 16.86 17.96
C TYR A 246 -24.75 16.14 19.09
N PHE A 247 -25.83 16.72 19.55
CA PHE A 247 -26.38 16.24 20.81
C PHE A 247 -27.88 15.80 20.68
N HIS A 250 -30.31 12.24 25.00
CA HIS A 250 -30.62 11.16 25.94
C HIS A 250 -31.33 11.72 27.18
N HIS A 251 -31.83 10.82 28.04
CA HIS A 251 -32.48 11.19 29.29
C HIS A 251 -32.06 10.23 30.39
N HIS A 252 -32.15 10.68 31.63
CA HIS A 252 -31.66 9.89 32.77
C HIS A 252 -32.76 9.00 33.32
C10 A1AVX B . -4.97 -6.53 -16.14
C15 A1AVX B . -6.75 -7.41 -11.72
C17 A1AVX B . -5.58 -8.63 -10.00
C21 A1AVX B . -4.87 -10.26 -8.20
C24 A1AVX B . -4.66 -12.66 -8.74
C26 A1AVX B . -5.08 -14.37 -7.13
C28 A1AVX B . -5.32 -12.07 -6.47
C02 A1AVX B . -0.39 -7.63 -17.22
C04 A1AVX B . -2.58 -7.25 -16.76
C06 A1AVX B . -2.96 -5.39 -15.17
C07 A1AVX B . -3.66 -5.43 -13.81
C09 A1AVX B . -5.61 -6.56 -14.75
C14 A1AVX B . -5.81 -6.40 -11.53
C16 A1AVX B . -6.61 -8.55 -10.93
C18 A1AVX B . -4.59 -7.64 -9.83
C19 A1AVX B . -4.73 -6.50 -10.63
C23 A1AVX B . -4.99 -11.69 -7.76
C25 A1AVX B . -4.72 -14.02 -8.42
C27 A1AVX B . -5.39 -13.41 -6.17
C33 A1AVX B . -8.35 -11.64 -4.72
C34 A1AVX B . -4.94 -11.26 -4.12
C35 A1AVX B . -6.60 -10.78 -10.08
C36 A1AVX B . -7.46 -9.80 -10.82
C37 A1AVX B . -3.05 -8.24 -17.66
C38 A1AVX B . -2.07 -8.89 -18.33
C39 A1AVX B . -0.72 -8.64 -18.14
C40 A1AVX B . -2.50 -9.99 -19.32
F41 A1AVX B . -3.51 -9.63 -19.99
F42 A1AVX B . -1.50 -10.30 -20.07
F43 A1AVX B . -2.86 -11.00 -18.70
N03 A1AVX B . -1.31 -6.96 -16.60
N05 A1AVX B . -3.50 -6.48 -16.01
N08 A1AVX B . -5.08 -5.39 -13.99
N20 A1AVX B . -5.66 -9.93 -9.35
N29 A1AVX B . -5.66 -11.17 -5.41
O12 A1AVX B . -7.30 -4.91 -12.96
O13 A1AVX B . -5.38 -3.86 -12.07
O22 A1AVX B . -4.13 -9.50 -7.65
O31 A1AVX B . -7.13 -9.22 -4.74
O32 A1AVX B . -7.57 -10.24 -6.84
S11 A1AVX B . -6.00 -5.00 -12.63
S30 A1AVX B . -7.16 -10.48 -5.46
CL01 A1AVX B . 1.30 -7.21 -16.94
C1 PEG C . 8.85 -12.02 -25.67
O1 PEG C . 10.18 -11.57 -25.77
C2 PEG C . 7.93 -11.22 -26.52
O2 PEG C . 7.88 -9.88 -26.08
C3 PEG C . 6.60 -9.28 -26.12
C4 PEG C . 6.73 -7.78 -26.08
O4 PEG C . 7.68 -7.35 -25.08
C1 PEG D . 14.18 4.79 0.67
O1 PEG D . 14.83 3.73 1.34
C2 PEG D . 13.55 5.71 1.64
O2 PEG D . 14.56 6.20 2.50
C3 PEG D . 14.86 7.57 2.35
C4 PEG D . 15.73 8.01 3.48
O4 PEG D . 16.71 8.97 3.07
MN MN E . -5.10 -4.81 -0.52
MN MN F . -2.64 -6.53 -1.85
#